data_8V73
#
_entry.id   8V73
#
_cell.length_a   77.808
_cell.length_b   77.808
_cell.length_c   84.899
_cell.angle_alpha   90.00
_cell.angle_beta   90.00
_cell.angle_gamma   90.00
#
_symmetry.space_group_name_H-M   'P 42 21 2'
#
loop_
_entity.id
_entity.type
_entity.pdbx_description
1 polymer 'Inositol polyphosphate multikinase'
2 non-polymer (5P)-3-(4-phenoxyphenyl)-5-(1H-tetrazol-5-yl)-2,1-benzoxazole
3 water water
#
_entity_poly.entity_id   1
_entity_poly.type   'polypeptide(L)'
_entity_poly.pdbx_seq_one_letter_code
;GSFTSHQVAGHMYGKDKVGILQHPDGTVLKQLQPPPRGPRELEFYNMVYAADCFDGVLLELRKYLPKYYGIWSPPTAPND
LYLKLEDVTHKFNKPCIMDVKIGQKSYDPFASSEKIQQQVSKYPLMEEIGFLVLGMRVYHVHSDSYETENQHYGRSLTKE
TIKDGVSRFFHNGYCLRKDAVAASIQKIEKILQWFENQKQLNFYASSLLFVYEGSSQGGSGGEVEVRMIDFAHVFPSNTI
DEGYVYGLKHLISVLRSILDN
;
_entity_poly.pdbx_strand_id   A
#
# COMPACT_ATOMS: atom_id res chain seq x y z
N ILE A 20 11.00 8.24 -2.64
CA ILE A 20 9.86 9.16 -2.34
C ILE A 20 10.42 10.46 -1.77
N LEU A 21 10.15 11.56 -2.48
CA LEU A 21 10.54 12.90 -2.04
C LEU A 21 9.29 13.66 -1.64
N GLN A 22 9.24 14.10 -0.38
CA GLN A 22 8.10 14.86 0.11
C GLN A 22 8.30 16.35 -0.20
N HIS A 23 7.33 16.93 -0.90
CA HIS A 23 7.38 18.34 -1.27
C HIS A 23 6.44 19.07 -0.31
N PRO A 24 6.86 20.23 0.25
CA PRO A 24 6.00 21.03 1.14
C PRO A 24 4.62 21.40 0.59
N ASP A 25 4.42 21.25 -0.73
CA ASP A 25 3.17 21.61 -1.37
C ASP A 25 2.13 20.49 -1.23
N GLY A 26 2.43 19.47 -0.42
CA GLY A 26 1.47 18.41 -0.17
C GLY A 26 1.56 17.27 -1.19
N THR A 27 2.64 17.26 -1.98
CA THR A 27 2.82 16.21 -2.96
C THR A 27 4.08 15.42 -2.61
N VAL A 28 4.18 14.24 -3.22
CA VAL A 28 5.42 13.49 -3.25
C VAL A 28 5.83 13.34 -4.72
N LEU A 29 7.14 13.29 -4.93
CA LEU A 29 7.70 12.99 -6.22
C LEU A 29 8.29 11.59 -6.11
N LYS A 30 7.77 10.67 -6.92
CA LYS A 30 8.33 9.34 -6.98
C LYS A 30 9.11 9.16 -8.29
N GLN A 31 10.40 8.86 -8.14
CA GLN A 31 11.24 8.64 -9.30
C GLN A 31 10.82 7.33 -9.95
N LEU A 32 10.64 7.35 -11.27
CA LEU A 32 10.36 6.13 -12.00
C LEU A 32 11.46 5.12 -11.68
N GLN A 33 11.06 3.91 -11.31
CA GLN A 33 12.00 2.80 -11.21
C GLN A 33 12.55 2.47 -12.60
N PRO A 34 13.70 1.77 -12.69
CA PRO A 34 14.27 1.38 -13.98
C PRO A 34 13.27 0.56 -14.81
N PRO A 35 13.44 0.52 -16.15
CA PRO A 35 12.52 -0.22 -17.01
C PRO A 35 12.61 -1.71 -16.68
N PRO A 36 11.52 -2.49 -16.79
CA PRO A 36 10.22 -1.98 -17.27
C PRO A 36 9.29 -1.42 -16.20
N ARG A 37 9.73 -1.40 -14.94
CA ARG A 37 8.86 -1.13 -13.80
C ARG A 37 8.36 0.31 -13.81
N GLY A 38 9.27 1.29 -13.84
CA GLY A 38 8.87 2.70 -13.83
C GLY A 38 7.91 3.05 -14.96
N PRO A 39 8.25 2.73 -16.24
CA PRO A 39 7.34 2.97 -17.35
C PRO A 39 5.94 2.39 -17.13
N ARG A 40 5.89 1.18 -16.56
CA ARG A 40 4.63 0.50 -16.33
C ARG A 40 3.76 1.26 -15.32
N GLU A 41 4.39 1.77 -14.26
CA GLU A 41 3.65 2.54 -13.27
C GLU A 41 3.16 3.86 -13.86
N LEU A 42 4.00 4.52 -14.67
CA LEU A 42 3.56 5.72 -15.37
C LEU A 42 2.33 5.43 -16.22
N GLU A 43 2.36 4.33 -17.02
CA GLU A 43 1.24 4.03 -17.90
C GLU A 43 0.00 3.68 -17.09
N PHE A 44 0.18 3.04 -15.92
CA PHE A 44 -0.94 2.74 -15.03
C PHE A 44 -1.65 4.02 -14.63
N TYR A 45 -0.90 5.00 -14.10
CA TYR A 45 -1.51 6.24 -13.66
C TYR A 45 -2.15 6.96 -14.84
N ASN A 46 -1.45 6.98 -15.97
CA ASN A 46 -1.93 7.62 -17.18
C ASN A 46 -3.26 7.03 -17.64
N MET A 47 -3.36 5.69 -17.60
CA MET A 47 -4.59 4.98 -17.97
C MET A 47 -5.72 5.35 -17.00
N VAL A 48 -5.43 5.33 -15.69
CA VAL A 48 -6.47 5.52 -14.69
C VAL A 48 -7.00 6.94 -14.76
N TYR A 49 -6.08 7.91 -14.87
CA TYR A 49 -6.44 9.32 -14.75
C TYR A 49 -6.60 9.94 -16.14
N ALA A 50 -6.77 9.09 -17.17
CA ALA A 50 -7.00 9.53 -18.54
C ALA A 50 -8.20 10.48 -18.58
N ALA A 51 -8.03 11.62 -19.26
CA ALA A 51 -8.98 12.71 -19.22
C ALA A 51 -10.33 12.29 -19.79
N ASP A 52 -10.30 11.35 -20.72
CA ASP A 52 -11.51 10.92 -21.42
C ASP A 52 -11.96 9.57 -20.93
N CYS A 53 -11.44 9.14 -19.77
CA CYS A 53 -11.84 7.87 -19.22
C CYS A 53 -13.26 7.97 -18.69
N PHE A 54 -14.13 7.11 -19.20
CA PHE A 54 -15.48 7.06 -18.69
C PHE A 54 -15.74 5.67 -18.13
N ASP A 55 -14.68 4.86 -18.05
CA ASP A 55 -14.81 3.53 -17.47
C ASP A 55 -15.11 3.65 -15.98
N GLY A 56 -16.28 3.16 -15.57
CA GLY A 56 -16.74 3.21 -14.19
C GLY A 56 -15.78 2.54 -13.21
N VAL A 57 -15.13 1.46 -13.65
CA VAL A 57 -14.21 0.74 -12.77
C VAL A 57 -13.01 1.64 -12.45
N LEU A 58 -12.49 2.32 -13.47
CA LEU A 58 -11.29 3.13 -13.29
C LEU A 58 -11.64 4.43 -12.57
N LEU A 59 -12.83 4.98 -12.84
CA LEU A 59 -13.29 6.17 -12.16
C LEU A 59 -13.42 5.91 -10.65
N GLU A 60 -13.98 4.74 -10.28
CA GLU A 60 -14.10 4.41 -8.86
C GLU A 60 -12.72 4.20 -8.23
N LEU A 61 -11.78 3.62 -8.99
CA LEU A 61 -10.48 3.26 -8.43
C LEU A 61 -9.71 4.51 -8.00
N ARG A 62 -9.93 5.65 -8.67
CA ARG A 62 -9.23 6.90 -8.38
C ARG A 62 -9.33 7.29 -6.91
N LYS A 63 -10.49 7.03 -6.28
CA LYS A 63 -10.72 7.34 -4.88
C LYS A 63 -9.66 6.73 -3.97
N TYR A 64 -9.14 5.56 -4.36
CA TYR A 64 -8.31 4.75 -3.48
C TYR A 64 -6.82 4.92 -3.79
N LEU A 65 -6.51 5.64 -4.87
CA LEU A 65 -5.12 5.93 -5.21
C LEU A 65 -4.75 7.31 -4.66
N PRO A 66 -3.45 7.66 -4.63
CA PRO A 66 -3.05 9.05 -4.51
C PRO A 66 -3.60 9.80 -5.72
N LYS A 67 -4.03 11.06 -5.51
CA LYS A 67 -4.30 11.92 -6.64
C LYS A 67 -3.03 12.02 -7.48
N TYR A 68 -3.24 12.06 -8.80
CA TYR A 68 -2.15 12.03 -9.76
C TYR A 68 -2.07 13.39 -10.46
N TYR A 69 -0.86 13.97 -10.47
CA TYR A 69 -0.63 15.28 -11.03
C TYR A 69 0.22 15.18 -12.30
N GLY A 70 0.35 13.97 -12.81
CA GLY A 70 1.04 13.76 -14.07
C GLY A 70 2.54 13.53 -13.90
N ILE A 71 3.19 13.28 -15.03
CA ILE A 71 4.62 13.11 -15.08
C ILE A 71 5.28 14.45 -14.76
N TRP A 72 6.41 14.38 -14.04
CA TRP A 72 7.18 15.57 -13.74
C TRP A 72 8.65 15.28 -13.98
N SER A 73 9.38 16.29 -14.46
CA SER A 73 10.83 16.23 -14.55
C SER A 73 11.40 17.60 -14.22
N PRO A 74 12.62 17.69 -13.65
CA PRO A 74 13.21 19.00 -13.36
C PRO A 74 13.30 19.84 -14.64
N PRO A 75 13.07 21.17 -14.54
CA PRO A 75 13.17 22.09 -15.68
C PRO A 75 14.42 21.91 -16.56
N THR A 76 15.54 21.51 -15.95
CA THR A 76 16.81 21.43 -16.64
C THR A 76 17.23 19.97 -16.88
N ALA A 77 16.33 19.02 -16.63
CA ALA A 77 16.69 17.61 -16.72
C ALA A 77 15.48 16.78 -17.21
N PRO A 78 15.10 16.87 -18.50
CA PRO A 78 14.00 16.08 -19.06
C PRO A 78 14.16 14.56 -18.96
N ASN A 79 15.42 14.13 -18.80
CA ASN A 79 15.77 12.73 -18.63
C ASN A 79 15.23 12.16 -17.32
N ASP A 80 15.09 13.01 -16.30
CA ASP A 80 14.88 12.53 -14.93
C ASP A 80 13.38 12.48 -14.62
N LEU A 81 12.78 11.30 -14.76
CA LEU A 81 11.33 11.14 -14.76
C LEU A 81 10.79 10.83 -13.36
N TYR A 82 9.75 11.58 -12.96
CA TYR A 82 9.02 11.33 -11.72
C TYR A 82 7.52 11.32 -11.96
N LEU A 83 6.82 10.67 -11.03
CA LEU A 83 5.39 10.85 -10.87
C LEU A 83 5.19 11.86 -9.76
N LYS A 84 4.31 12.85 -10.02
CA LYS A 84 3.89 13.78 -9.01
C LYS A 84 2.57 13.26 -8.45
N LEU A 85 2.59 12.92 -7.16
CA LEU A 85 1.49 12.24 -6.48
C LEU A 85 1.11 13.02 -5.22
N GLU A 86 -0.15 12.88 -4.84
CA GLU A 86 -0.62 13.32 -3.53
C GLU A 86 0.22 12.67 -2.42
N ASP A 87 0.68 13.49 -1.47
CA ASP A 87 1.24 12.98 -0.23
C ASP A 87 0.07 12.64 0.69
N VAL A 88 -0.19 11.35 0.84
CA VAL A 88 -1.34 10.86 1.56
C VAL A 88 -1.22 11.18 3.06
N THR A 89 -0.02 11.51 3.52
CA THR A 89 0.23 11.84 4.92
C THR A 89 0.09 13.34 5.23
N HIS A 90 -0.15 14.17 4.22
CA HIS A 90 0.00 15.62 4.35
C HIS A 90 -0.95 16.23 5.38
N LYS A 91 -2.19 15.74 5.46
CA LYS A 91 -3.19 16.38 6.31
C LYS A 91 -3.01 16.01 7.78
N PHE A 92 -2.04 15.16 8.10
CA PHE A 92 -1.84 14.70 9.47
C PHE A 92 -0.79 15.55 10.17
N ASN A 93 -0.91 15.64 11.49
CA ASN A 93 0.03 16.37 12.32
C ASN A 93 1.23 15.48 12.65
N LYS A 94 0.96 14.35 13.32
CA LYS A 94 1.98 13.35 13.57
C LYS A 94 1.52 12.05 12.93
N PRO A 95 1.66 11.90 11.60
CA PRO A 95 1.18 10.69 10.93
C PRO A 95 1.92 9.45 11.40
N CYS A 96 1.15 8.41 11.72
CA CYS A 96 1.66 7.07 11.87
C CYS A 96 1.41 6.35 10.55
N ILE A 97 2.46 5.79 9.95
CA ILE A 97 2.41 5.30 8.58
C ILE A 97 2.81 3.84 8.56
N MET A 98 2.05 3.02 7.84
CA MET A 98 2.45 1.64 7.61
C MET A 98 2.18 1.28 6.15
N ASP A 99 3.17 0.65 5.53
CA ASP A 99 3.10 0.19 4.15
C ASP A 99 3.01 -1.34 4.19
N VAL A 100 1.93 -1.86 3.59
CA VAL A 100 1.72 -3.30 3.55
C VAL A 100 1.59 -3.76 2.10
N LYS A 101 2.51 -4.63 1.68
CA LYS A 101 2.42 -5.26 0.36
C LYS A 101 1.32 -6.30 0.40
N ILE A 102 0.46 -6.31 -0.64
CA ILE A 102 -0.73 -7.13 -0.69
C ILE A 102 -0.57 -8.20 -1.79
N GLY A 103 -1.02 -9.42 -1.47
CA GLY A 103 -1.13 -10.46 -2.46
C GLY A 103 -0.41 -11.74 -2.03
N GLN A 104 -0.65 -12.82 -2.78
CA GLN A 104 0.00 -14.11 -2.55
C GLN A 104 1.29 -14.24 -3.34
N LYS A 105 1.39 -13.48 -4.44
CA LYS A 105 2.57 -13.50 -5.28
C LYS A 105 3.06 -12.07 -5.47
N SER A 106 4.37 -11.85 -5.29
CA SER A 106 4.95 -10.54 -5.54
C SER A 106 5.74 -10.55 -6.85
N TYR A 107 5.72 -11.68 -7.56
CA TYR A 107 6.21 -11.73 -8.92
C TYR A 107 5.03 -11.61 -9.87
N ASP A 108 5.29 -11.17 -11.11
CA ASP A 108 4.21 -10.92 -12.03
C ASP A 108 4.12 -12.05 -13.06
N PRO A 109 3.11 -12.03 -13.95
CA PRO A 109 2.89 -13.12 -14.90
C PRO A 109 3.98 -13.35 -15.93
N PHE A 110 4.95 -12.42 -16.02
CA PHE A 110 6.00 -12.51 -17.02
C PHE A 110 7.37 -12.68 -16.37
N ALA A 111 7.39 -13.10 -15.11
CA ALA A 111 8.65 -13.29 -14.41
C ALA A 111 9.31 -14.59 -14.88
N SER A 112 10.64 -14.55 -15.01
CA SER A 112 11.47 -15.73 -15.24
C SER A 112 11.51 -16.59 -13.98
N SER A 113 11.95 -17.85 -14.14
CA SER A 113 12.10 -18.78 -13.03
C SER A 113 12.96 -18.18 -11.93
N GLU A 114 14.08 -17.56 -12.35
CA GLU A 114 15.02 -16.95 -11.43
C GLU A 114 14.32 -15.82 -10.67
N LYS A 115 13.55 -15.01 -11.40
CA LYS A 115 12.87 -13.86 -10.82
C LYS A 115 11.82 -14.34 -9.81
N ILE A 116 11.08 -15.40 -10.15
CA ILE A 116 10.10 -15.95 -9.23
C ILE A 116 10.78 -16.40 -7.94
N GLN A 117 11.89 -17.14 -8.09
CA GLN A 117 12.67 -17.60 -6.95
C GLN A 117 13.15 -16.43 -6.11
N GLN A 118 13.65 -15.40 -6.77
CA GLN A 118 14.09 -14.19 -6.09
C GLN A 118 12.94 -13.63 -5.27
N GLN A 119 11.75 -13.49 -5.88
CA GLN A 119 10.62 -12.85 -5.24
C GLN A 119 10.11 -13.70 -4.07
N VAL A 120 9.99 -15.01 -4.26
CA VAL A 120 9.43 -15.86 -3.21
C VAL A 120 10.41 -15.93 -2.04
N SER A 121 11.72 -15.97 -2.33
CA SER A 121 12.73 -16.06 -1.30
C SER A 121 12.75 -14.80 -0.44
N LYS A 122 12.40 -13.64 -1.01
CA LYS A 122 12.37 -12.39 -0.25
C LYS A 122 11.43 -12.54 0.94
N TYR A 123 10.32 -13.26 0.74
CA TYR A 123 9.38 -13.55 1.81
C TYR A 123 8.56 -14.77 1.44
N PRO A 124 9.02 -15.99 1.79
CA PRO A 124 8.38 -17.22 1.30
C PRO A 124 7.01 -17.50 1.90
N LEU A 125 6.57 -16.66 2.85
CA LEU A 125 5.27 -16.82 3.49
C LEU A 125 4.18 -16.03 2.76
N MET A 126 4.50 -15.46 1.60
CA MET A 126 3.56 -14.55 0.94
C MET A 126 2.30 -15.31 0.53
N GLU A 127 2.45 -16.55 0.04
CA GLU A 127 1.32 -17.33 -0.43
C GLU A 127 0.38 -17.62 0.74
N GLU A 128 0.99 -17.93 1.89
CA GLU A 128 0.26 -18.37 3.07
C GLU A 128 -0.46 -17.18 3.70
N ILE A 129 0.22 -16.04 3.85
CA ILE A 129 -0.34 -14.94 4.62
C ILE A 129 -1.09 -13.95 3.72
N GLY A 130 -0.53 -13.68 2.55
CA GLY A 130 -1.19 -12.84 1.56
C GLY A 130 -0.90 -11.35 1.74
N PHE A 131 0.00 -11.01 2.67
CA PHE A 131 0.48 -9.64 2.82
C PHE A 131 1.81 -9.64 3.56
N LEU A 132 2.52 -8.53 3.43
CA LEU A 132 3.83 -8.35 4.02
C LEU A 132 3.98 -6.89 4.45
N VAL A 133 4.31 -6.68 5.71
CA VAL A 133 4.58 -5.33 6.19
C VAL A 133 5.94 -4.90 5.64
N LEU A 134 5.95 -3.83 4.85
CA LEU A 134 7.17 -3.31 4.27
C LEU A 134 7.88 -2.37 5.24
N GLY A 135 7.09 -1.64 6.04
CA GLY A 135 7.65 -0.80 7.07
C GLY A 135 6.55 -0.09 7.85
N MET A 136 6.92 0.49 8.99
CA MET A 136 6.02 1.38 9.68
C MET A 136 6.81 2.46 10.38
N ARG A 137 6.15 3.60 10.57
CA ARG A 137 6.66 4.69 11.37
C ARG A 137 5.56 5.05 12.37
N VAL A 138 5.83 4.89 13.67
CA VAL A 138 4.79 5.06 14.68
C VAL A 138 5.23 6.15 15.65
N TYR A 139 4.38 7.18 15.78
CA TYR A 139 4.60 8.24 16.75
C TYR A 139 4.25 7.73 18.16
N HIS A 140 5.14 8.02 19.10
CA HIS A 140 4.90 7.68 20.50
C HIS A 140 4.76 8.97 21.28
N VAL A 141 3.60 9.14 21.93
CA VAL A 141 3.21 10.36 22.59
C VAL A 141 4.15 10.63 23.77
N HIS A 142 4.41 9.59 24.57
CA HIS A 142 5.07 9.76 25.86
C HIS A 142 6.54 10.10 25.67
N SER A 143 7.10 9.82 24.49
CA SER A 143 8.51 10.11 24.22
C SER A 143 8.68 11.20 23.16
N ASP A 144 7.58 11.68 22.58
CA ASP A 144 7.61 12.67 21.51
C ASP A 144 8.56 12.21 20.42
N SER A 145 8.40 10.97 19.96
CA SER A 145 9.37 10.36 19.06
C SER A 145 8.70 9.28 18.21
N TYR A 146 9.41 8.88 17.14
CA TYR A 146 8.94 7.88 16.19
C TYR A 146 9.75 6.59 16.32
N GLU A 147 9.04 5.45 16.39
CA GLU A 147 9.62 4.14 16.12
C GLU A 147 9.53 3.86 14.63
N THR A 148 10.63 3.43 14.01
CA THR A 148 10.56 2.98 12.63
C THR A 148 10.88 1.49 12.58
N GLU A 149 10.15 0.76 11.75
CA GLU A 149 10.49 -0.62 11.41
C GLU A 149 10.78 -0.67 9.93
N ASN A 150 11.83 -1.40 9.55
CA ASN A 150 12.27 -1.52 8.17
C ASN A 150 11.75 -2.83 7.60
N GLN A 151 12.16 -3.16 6.36
CA GLN A 151 11.65 -4.30 5.62
C GLN A 151 11.94 -5.62 6.34
N HIS A 152 13.01 -5.67 7.14
CA HIS A 152 13.37 -6.89 7.85
C HIS A 152 12.35 -7.23 8.94
N TYR A 153 11.65 -6.21 9.46
CA TYR A 153 10.64 -6.44 10.49
C TYR A 153 9.54 -7.34 9.94
N GLY A 154 8.89 -6.92 8.86
CA GLY A 154 7.76 -7.65 8.31
C GLY A 154 8.17 -9.01 7.75
N ARG A 155 9.37 -9.07 7.16
CA ARG A 155 9.87 -10.31 6.58
C ARG A 155 10.22 -11.31 7.69
N SER A 156 10.25 -10.84 8.94
CA SER A 156 10.50 -11.71 10.09
C SER A 156 9.22 -12.35 10.61
N LEU A 157 8.07 -11.83 10.20
CA LEU A 157 6.83 -12.22 10.83
C LEU A 157 6.36 -13.53 10.21
N THR A 158 5.80 -14.38 11.07
CA THR A 158 5.22 -15.65 10.70
C THR A 158 3.74 -15.65 11.05
N LYS A 159 3.07 -16.76 10.74
CA LYS A 159 1.67 -16.92 11.08
C LYS A 159 1.48 -16.73 12.60
N GLU A 160 2.50 -17.14 13.37
CA GLU A 160 2.41 -17.09 14.82
C GLU A 160 2.54 -15.66 15.33
N THR A 161 3.25 -14.79 14.60
CA THR A 161 3.61 -13.48 15.13
C THR A 161 3.00 -12.34 14.31
N ILE A 162 2.21 -12.65 13.26
CA ILE A 162 1.71 -11.61 12.37
C ILE A 162 0.72 -10.69 13.10
N LYS A 163 -0.14 -11.22 13.96
CA LYS A 163 -1.12 -10.36 14.62
C LYS A 163 -0.43 -9.33 15.51
N ASP A 164 0.52 -9.77 16.35
CA ASP A 164 1.27 -8.85 17.20
C ASP A 164 2.14 -7.92 16.34
N GLY A 165 2.65 -8.45 15.23
CA GLY A 165 3.48 -7.69 14.32
C GLY A 165 2.71 -6.51 13.74
N VAL A 166 1.44 -6.74 13.39
CA VAL A 166 0.58 -5.69 12.88
C VAL A 166 0.14 -4.75 14.01
N SER A 167 -0.21 -5.29 15.19
N SER A 167 -0.24 -5.32 15.16
CA SER A 167 -0.77 -4.47 16.25
CA SER A 167 -0.71 -4.58 16.32
C SER A 167 0.26 -3.46 16.78
C SER A 167 0.25 -3.43 16.66
N ARG A 168 1.55 -3.69 16.53
CA ARG A 168 2.58 -2.72 16.91
C ARG A 168 2.32 -1.35 16.28
N PHE A 169 1.80 -1.35 15.04
CA PHE A 169 1.52 -0.12 14.33
C PHE A 169 0.57 0.79 15.10
N PHE A 170 -0.33 0.17 15.87
CA PHE A 170 -1.46 0.84 16.50
C PHE A 170 -1.21 1.12 17.99
N HIS A 171 0.04 0.97 18.45
CA HIS A 171 0.39 1.29 19.82
C HIS A 171 1.12 2.63 19.87
N ASN A 172 0.55 3.59 20.60
CA ASN A 172 1.16 4.90 20.81
C ASN A 172 1.97 4.95 22.11
N GLY A 173 2.11 3.80 22.77
CA GLY A 173 2.87 3.70 24.00
C GLY A 173 2.03 3.93 25.26
N TYR A 174 0.69 3.88 25.13
CA TYR A 174 -0.20 3.97 26.29
C TYR A 174 -1.54 3.29 26.01
N CYS A 175 -2.03 3.35 24.77
CA CYS A 175 -3.21 2.56 24.42
C CYS A 175 -3.01 1.93 23.05
N LEU A 176 -3.75 0.83 22.83
CA LEU A 176 -3.98 0.29 21.50
C LEU A 176 -5.06 1.12 20.81
N ARG A 177 -4.74 1.67 19.63
CA ARG A 177 -5.65 2.57 18.93
C ARG A 177 -6.69 1.76 18.16
N LYS A 178 -7.66 1.20 18.89
CA LYS A 178 -8.67 0.37 18.27
C LYS A 178 -9.56 1.19 17.35
N ASP A 179 -9.68 2.51 17.60
CA ASP A 179 -10.37 3.39 16.67
C ASP A 179 -9.73 3.33 15.29
N ALA A 180 -8.41 3.44 15.22
CA ALA A 180 -7.69 3.44 13.97
C ALA A 180 -7.76 2.05 13.32
N VAL A 181 -7.76 1.00 14.14
CA VAL A 181 -7.90 -0.36 13.65
C VAL A 181 -9.27 -0.53 12.99
N ALA A 182 -10.34 -0.09 13.67
CA ALA A 182 -11.69 -0.26 13.14
C ALA A 182 -11.84 0.54 11.85
N ALA A 183 -11.37 1.79 11.85
CA ALA A 183 -11.41 2.63 10.68
C ALA A 183 -10.67 1.97 9.50
N SER A 184 -9.52 1.35 9.79
CA SER A 184 -8.72 0.69 8.75
C SER A 184 -9.49 -0.46 8.13
N ILE A 185 -10.18 -1.25 8.95
CA ILE A 185 -11.02 -2.31 8.43
C ILE A 185 -12.07 -1.74 7.47
N GLN A 186 -12.72 -0.63 7.89
CA GLN A 186 -13.84 -0.07 7.14
C GLN A 186 -13.39 0.44 5.77
N LYS A 187 -12.20 1.05 5.72
CA LYS A 187 -11.65 1.56 4.48
C LYS A 187 -11.11 0.44 3.59
N ILE A 188 -10.46 -0.57 4.19
CA ILE A 188 -10.03 -1.74 3.42
C ILE A 188 -11.24 -2.40 2.78
N GLU A 189 -12.38 -2.47 3.51
CA GLU A 189 -13.57 -3.14 3.01
C GLU A 189 -14.04 -2.51 1.69
N LYS A 190 -13.93 -1.18 1.59
CA LYS A 190 -14.33 -0.49 0.38
C LYS A 190 -13.40 -0.86 -0.78
N ILE A 191 -12.11 -0.99 -0.51
CA ILE A 191 -11.15 -1.39 -1.52
C ILE A 191 -11.47 -2.82 -1.97
N LEU A 192 -11.80 -3.70 -1.00
CA LEU A 192 -12.15 -5.08 -1.29
C LEU A 192 -13.38 -5.09 -2.19
N GLN A 193 -14.35 -4.23 -1.90
CA GLN A 193 -15.57 -4.15 -2.69
C GLN A 193 -15.24 -3.76 -4.12
N TRP A 194 -14.29 -2.82 -4.31
CA TRP A 194 -13.86 -2.44 -5.65
C TRP A 194 -13.30 -3.67 -6.38
N PHE A 195 -12.41 -4.42 -5.72
CA PHE A 195 -11.78 -5.58 -6.32
C PHE A 195 -12.82 -6.64 -6.69
N GLU A 196 -13.87 -6.76 -5.88
CA GLU A 196 -14.88 -7.78 -6.13
C GLU A 196 -15.83 -7.34 -7.25
N ASN A 197 -15.65 -6.13 -7.77
CA ASN A 197 -16.49 -5.61 -8.83
C ASN A 197 -15.64 -5.21 -10.03
N GLN A 198 -14.47 -5.86 -10.21
CA GLN A 198 -13.67 -5.64 -11.40
C GLN A 198 -12.93 -6.93 -11.75
N LYS A 199 -12.83 -7.23 -13.06
CA LYS A 199 -12.01 -8.32 -13.57
C LYS A 199 -11.19 -7.85 -14.78
N GLN A 200 -10.47 -6.73 -14.61
CA GLN A 200 -9.71 -6.17 -15.72
C GLN A 200 -8.29 -5.80 -15.32
N LEU A 201 -7.98 -5.79 -14.03
CA LEU A 201 -6.62 -5.52 -13.55
C LEU A 201 -6.24 -6.49 -12.45
N ASN A 202 -5.00 -7.00 -12.51
CA ASN A 202 -4.40 -7.76 -11.44
C ASN A 202 -3.15 -7.02 -10.96
N PHE A 203 -2.94 -7.00 -9.65
CA PHE A 203 -1.94 -6.15 -9.01
C PHE A 203 -0.93 -7.00 -8.25
N TYR A 204 0.33 -6.95 -8.66
CA TYR A 204 1.40 -7.70 -8.01
C TYR A 204 2.39 -6.73 -7.40
N ALA A 205 2.87 -7.07 -6.21
CA ALA A 205 3.85 -6.28 -5.45
C ALA A 205 3.36 -4.85 -5.24
N SER A 206 2.04 -4.64 -5.19
N SER A 206 2.04 -4.67 -5.14
CA SER A 206 1.50 -3.34 -4.83
CA SER A 206 1.43 -3.40 -4.82
C SER A 206 1.14 -3.34 -3.34
C SER A 206 1.16 -3.34 -3.32
N SER A 207 0.97 -2.13 -2.80
CA SER A 207 0.86 -1.90 -1.37
C SER A 207 -0.40 -1.11 -0.98
N LEU A 208 -0.77 -1.26 0.30
CA LEU A 208 -1.65 -0.33 0.98
C LEU A 208 -0.82 0.53 1.93
N LEU A 209 -1.07 1.84 1.86
CA LEU A 209 -0.49 2.79 2.78
C LEU A 209 -1.55 3.16 3.80
N PHE A 210 -1.24 2.85 5.06
CA PHE A 210 -2.10 3.16 6.19
C PHE A 210 -1.55 4.39 6.90
N VAL A 211 -2.44 5.34 7.21
CA VAL A 211 -2.03 6.50 7.97
C VAL A 211 -3.10 6.79 9.01
N TYR A 212 -2.68 7.05 10.25
CA TYR A 212 -3.57 7.58 11.26
C TYR A 212 -2.85 8.68 12.03
N GLU A 213 -3.64 9.44 12.80
CA GLU A 213 -3.16 10.60 13.51
C GLU A 213 -2.62 10.16 14.87
N GLY A 214 -1.31 10.34 15.08
CA GLY A 214 -0.64 9.92 16.30
C GLY A 214 -0.64 10.99 17.40
N SER A 215 -0.98 12.25 17.07
CA SER A 215 -1.08 13.26 18.11
C SER A 215 -2.54 13.39 18.58
N GLY A 221 -9.88 12.60 16.51
CA GLY A 221 -9.81 11.13 16.75
C GLY A 221 -9.76 10.22 15.49
N GLY A 222 -10.79 9.38 15.29
CA GLY A 222 -10.78 8.22 14.39
C GLY A 222 -10.45 8.47 12.90
N GLU A 223 -9.49 9.37 12.61
CA GLU A 223 -9.18 9.82 11.26
C GLU A 223 -8.06 9.01 10.60
N VAL A 224 -8.35 8.43 9.43
CA VAL A 224 -7.42 7.50 8.84
C VAL A 224 -7.40 7.57 7.33
N GLU A 225 -6.25 7.22 6.75
CA GLU A 225 -6.17 7.01 5.32
C GLU A 225 -5.73 5.57 5.07
N VAL A 226 -6.33 4.98 4.04
CA VAL A 226 -5.85 3.70 3.52
C VAL A 226 -5.87 3.91 1.98
N ARG A 227 -4.71 3.93 1.37
CA ARG A 227 -4.62 4.09 -0.07
C ARG A 227 -3.71 3.04 -0.80
N MET A 228 -4.11 2.70 -1.99
CA MET A 228 -3.33 1.81 -2.82
C MET A 228 -2.17 2.58 -3.45
N ILE A 229 -0.98 2.01 -3.37
CA ILE A 229 0.22 2.58 -3.97
C ILE A 229 1.05 1.48 -4.64
N ASP A 230 1.99 1.93 -5.51
CA ASP A 230 3.09 1.17 -6.07
C ASP A 230 2.60 0.23 -7.17
N PHE A 231 2.60 0.72 -8.41
CA PHE A 231 1.89 0.07 -9.50
C PHE A 231 2.83 -0.33 -10.64
N ALA A 232 4.04 -0.77 -10.28
CA ALA A 232 5.02 -1.18 -11.27
C ALA A 232 4.71 -2.58 -11.81
N HIS A 233 3.78 -3.32 -11.18
CA HIS A 233 3.41 -4.64 -11.65
C HIS A 233 1.89 -4.83 -11.67
N VAL A 234 1.18 -3.91 -12.32
CA VAL A 234 -0.25 -4.07 -12.55
C VAL A 234 -0.45 -4.51 -14.00
N PHE A 235 -1.24 -5.55 -14.20
CA PHE A 235 -1.42 -6.12 -15.53
C PHE A 235 -2.90 -6.20 -15.88
N PRO A 236 -3.25 -6.11 -17.18
CA PRO A 236 -4.60 -6.47 -17.64
C PRO A 236 -4.90 -7.94 -17.31
N SER A 237 -6.18 -8.22 -17.05
CA SER A 237 -6.60 -9.53 -16.61
C SER A 237 -8.01 -9.82 -17.11
N ASN A 238 -8.39 -11.11 -17.08
CA ASN A 238 -9.74 -11.55 -17.40
C ASN A 238 -10.46 -12.03 -16.14
N THR A 239 -9.78 -11.98 -14.99
CA THR A 239 -10.23 -12.66 -13.78
C THR A 239 -10.20 -11.72 -12.59
N ILE A 240 -10.92 -12.14 -11.53
CA ILE A 240 -10.76 -11.58 -10.20
C ILE A 240 -9.29 -11.69 -9.80
N ASP A 241 -8.77 -10.65 -9.12
CA ASP A 241 -7.44 -10.72 -8.54
C ASP A 241 -7.55 -11.50 -7.23
N GLU A 242 -7.52 -12.82 -7.33
CA GLU A 242 -7.80 -13.70 -6.21
C GLU A 242 -6.75 -13.53 -5.11
N GLY A 243 -5.49 -13.33 -5.48
CA GLY A 243 -4.42 -13.18 -4.50
C GLY A 243 -4.58 -11.90 -3.72
N TYR A 244 -4.98 -10.83 -4.39
CA TYR A 244 -5.14 -9.54 -3.74
C TYR A 244 -6.31 -9.62 -2.77
N VAL A 245 -7.41 -10.23 -3.24
CA VAL A 245 -8.59 -10.40 -2.42
C VAL A 245 -8.24 -11.20 -1.17
N TYR A 246 -7.57 -12.36 -1.33
CA TYR A 246 -7.13 -13.18 -0.20
C TYR A 246 -6.36 -12.34 0.81
N GLY A 247 -5.40 -11.55 0.32
CA GLY A 247 -4.58 -10.70 1.18
C GLY A 247 -5.40 -9.70 1.98
N LEU A 248 -6.34 -9.04 1.29
CA LEU A 248 -7.21 -8.08 1.96
C LEU A 248 -8.06 -8.77 3.01
N LYS A 249 -8.64 -9.93 2.65
CA LYS A 249 -9.49 -10.66 3.58
C LYS A 249 -8.70 -11.07 4.83
N HIS A 250 -7.48 -11.56 4.63
CA HIS A 250 -6.68 -12.00 5.75
C HIS A 250 -6.30 -10.79 6.60
N LEU A 251 -5.93 -9.69 5.95
CA LEU A 251 -5.54 -8.50 6.69
C LEU A 251 -6.71 -7.99 7.52
N ILE A 252 -7.91 -7.99 6.94
CA ILE A 252 -9.11 -7.61 7.67
C ILE A 252 -9.32 -8.53 8.87
N SER A 253 -9.14 -9.85 8.67
N SER A 253 -9.13 -9.85 8.68
CA SER A 253 -9.32 -10.84 9.73
CA SER A 253 -9.33 -10.82 9.74
C SER A 253 -8.34 -10.57 10.89
C SER A 253 -8.34 -10.57 10.89
N VAL A 254 -7.09 -10.25 10.55
CA VAL A 254 -6.08 -9.97 11.57
C VAL A 254 -6.48 -8.71 12.35
N LEU A 255 -6.84 -7.63 11.61
CA LEU A 255 -7.24 -6.39 12.25
C LEU A 255 -8.45 -6.61 13.15
N ARG A 256 -9.40 -7.44 12.68
CA ARG A 256 -10.58 -7.75 13.45
C ARG A 256 -10.20 -8.41 14.78
N SER A 257 -9.25 -9.36 14.76
CA SER A 257 -8.87 -10.03 16.01
C SER A 257 -8.20 -9.04 16.95
N ILE A 258 -7.51 -8.03 16.42
CA ILE A 258 -6.84 -7.03 17.24
C ILE A 258 -7.87 -6.21 18.02
N LEU A 259 -9.07 -6.06 17.45
CA LEU A 259 -10.16 -5.37 18.13
C LEU A 259 -10.58 -6.10 19.41
N ASP A 260 -10.19 -7.38 19.57
CA ASP A 260 -10.56 -8.15 20.76
C ASP A 260 -9.48 -8.11 21.84
N ASN A 261 -8.36 -7.42 21.59
CA ASN A 261 -7.23 -7.39 22.51
C ASN A 261 -7.63 -6.83 23.88
#